data_6UAF
#
_entry.id   6UAF
#
_cell.length_a   104.835
_cell.length_b   104.835
_cell.length_c   98.627
_cell.angle_alpha   90.000
_cell.angle_beta   90.000
_cell.angle_gamma   120.000
#
_symmetry.space_group_name_H-M   'P 64 2 2'
#
loop_
_entity.id
_entity.type
_entity.pdbx_description
1 polymer 'Putative metallo-beta-lactamase l1 (Beta-lactamase type ii) (Ec 3.5.2.6) (Penicillinase)'
2 non-polymer '(2R,4S)-2-[(1S,2R)-1-carboxy-2-hydroxypropyl]-4-[(2-{[(Z)-iminomethyl]amino}ethyl)sulfanyl]-3,4-dihydro-2H-pyrrole-5-ca rboxylic acid'
3 non-polymer 'ZINC ION'
4 water water
#
_entity_poly.entity_id   1
_entity_poly.type   'polypeptide(L)'
_entity_poly.pdbx_seq_one_letter_code
;SNAMRFTLLAFALAVALPAVHASAAEAPLPQLRAYTVDASWLQPMAPLQVADHTWQIGTEDLTALLVQTAEGAVLLDGGM
PQMAGHLLDNMKLRGVAPQDLRLILLSHAHADHAGPVAELKRRTGAHVAANAETAVLLARGGSNDLHFGDGITYPPASAD
RIIMDGEVVTVGGIAFTAHFMPGHTPGSTAWTWTDTRDGKPVRIAYADSLSAPGYQLKGNPRYPRLIEDYKRSFATVRAL
PCDLLLTPHPGASNWNYAVGSKASAEALTCNAYADAAEKKFDAQLARETAGTR
;
_entity_poly.pdbx_strand_id   A
#
# COMPACT_ATOMS: atom_id res chain seq x y z
N GLU A 26 9.03 -16.26 40.46
CA GLU A 26 8.55 -16.89 39.23
C GLU A 26 8.32 -15.86 38.12
N ALA A 27 8.10 -16.35 36.91
CA ALA A 27 8.12 -15.48 35.73
C ALA A 27 6.88 -14.58 35.70
N PRO A 28 7.05 -13.28 35.52
CA PRO A 28 5.90 -12.42 35.21
C PRO A 28 5.49 -12.60 33.76
N LEU A 29 4.27 -12.15 33.45
CA LEU A 29 3.84 -12.14 32.07
C LEU A 29 4.78 -11.28 31.23
N PRO A 30 4.93 -11.56 29.94
CA PRO A 30 5.89 -10.80 29.13
C PRO A 30 5.46 -9.36 28.94
N GLN A 31 6.45 -8.49 28.77
CA GLN A 31 6.17 -7.11 28.37
C GLN A 31 5.63 -7.06 26.95
N LEU A 32 4.85 -6.02 26.66
CA LEU A 32 4.43 -5.80 25.28
C LEU A 32 5.66 -5.48 24.42
N ARG A 33 5.64 -5.96 23.19
CA ARG A 33 6.74 -5.73 22.27
C ARG A 33 6.28 -4.82 21.13
N ALA A 34 7.12 -3.88 20.75
CA ALA A 34 6.77 -2.94 19.71
C ALA A 34 7.06 -3.51 18.32
N TYR A 35 6.29 -3.04 17.34
CA TYR A 35 6.55 -3.38 15.94
C TYR A 35 7.72 -2.55 15.45
N THR A 36 8.86 -3.19 15.26
CA THR A 36 10.07 -2.52 14.78
C THR A 36 10.38 -2.96 13.35
N VAL A 37 11.10 -2.10 12.62
CA VAL A 37 11.35 -2.28 11.20
C VAL A 37 12.78 -1.86 10.88
N ASP A 38 13.26 -2.31 9.70
CA ASP A 38 14.57 -1.93 9.21
C ASP A 38 14.69 -0.41 9.16
N ALA A 39 15.91 0.09 9.43
CA ALA A 39 16.13 1.53 9.47
C ALA A 39 15.72 2.20 8.16
N SER A 40 16.00 1.55 7.02
CA SER A 40 15.69 2.18 5.74
C SER A 40 14.20 2.41 5.55
N TRP A 41 13.35 1.63 6.21
CA TRP A 41 11.91 1.89 6.11
C TRP A 41 11.53 3.20 6.79
N LEU A 42 12.41 3.72 7.66
CA LEU A 42 12.16 4.92 8.43
C LEU A 42 13.06 6.07 8.00
N GLN A 43 13.68 5.96 6.84
CA GLN A 43 14.69 6.92 6.42
C GLN A 43 14.05 7.99 5.54
N PRO A 44 13.87 9.22 6.03
CA PRO A 44 13.18 10.22 5.20
C PRO A 44 13.91 10.47 3.89
N MET A 45 13.13 10.80 2.86
CA MET A 45 13.65 11.24 1.57
C MET A 45 12.86 12.44 1.09
N ALA A 46 13.50 13.26 0.26
CA ALA A 46 12.83 14.38 -0.37
C ALA A 46 11.86 13.86 -1.43
N PRO A 47 10.87 14.66 -1.82
CA PRO A 47 9.91 14.20 -2.84
C PRO A 47 10.61 13.82 -4.14
N LEU A 48 10.20 12.68 -4.69
CA LEU A 48 10.75 12.15 -5.94
C LEU A 48 9.63 12.05 -6.97
N GLN A 49 9.79 12.77 -8.08
CA GLN A 49 8.71 12.81 -9.07
C GLN A 49 8.63 11.49 -9.84
N VAL A 50 7.41 10.95 -9.94
CA VAL A 50 7.13 9.71 -10.67
C VAL A 50 6.51 9.99 -12.04
N ALA A 51 5.59 10.95 -12.10
CA ALA A 51 5.05 11.47 -13.35
C ALA A 51 4.65 12.92 -13.13
N ASP A 52 3.93 13.51 -14.09
CA ASP A 52 3.69 14.96 -14.05
C ASP A 52 2.99 15.41 -12.76
N HIS A 53 2.06 14.60 -12.24
CA HIS A 53 1.31 14.96 -11.04
C HIS A 53 1.61 14.07 -9.83
N THR A 54 2.48 13.07 -9.96
CA THR A 54 2.61 12.01 -8.99
C THR A 54 4.01 12.01 -8.39
N TRP A 55 4.08 12.01 -7.05
CA TRP A 55 5.33 12.09 -6.31
C TRP A 55 5.40 11.03 -5.23
N GLN A 56 6.57 10.38 -5.11
CA GLN A 56 6.87 9.57 -3.92
C GLN A 56 7.35 10.50 -2.82
N ILE A 57 6.63 10.50 -1.68
CA ILE A 57 6.96 11.43 -0.63
C ILE A 57 7.16 10.71 0.69
N GLY A 58 7.31 9.37 0.63
CA GLY A 58 7.51 8.58 1.84
C GLY A 58 8.98 8.50 2.25
N THR A 59 9.41 7.30 2.62
CA THR A 59 10.79 7.06 3.01
C THR A 59 11.49 6.27 1.91
N GLU A 60 12.78 5.99 2.13
CA GLU A 60 13.54 5.27 1.12
C GLU A 60 12.93 3.91 0.81
N ASP A 61 12.34 3.24 1.80
CA ASP A 61 11.85 1.87 1.59
C ASP A 61 10.37 1.69 1.88
N LEU A 62 9.60 2.78 1.99
CA LEU A 62 8.14 2.65 2.08
C LEU A 62 7.51 3.68 1.17
N THR A 63 6.64 3.22 0.28
CA THR A 63 5.99 4.09 -0.68
C THR A 63 4.89 4.91 -0.02
N ALA A 64 4.83 6.19 -0.34
CA ALA A 64 3.65 7.00 -0.06
C ALA A 64 3.52 7.97 -1.22
N LEU A 65 2.47 7.82 -2.02
CA LEU A 65 2.36 8.57 -3.27
C LEU A 65 1.42 9.75 -3.09
N LEU A 66 1.88 10.93 -3.49
CA LEU A 66 1.07 12.14 -3.51
C LEU A 66 0.73 12.44 -4.96
N VAL A 67 -0.56 12.55 -5.27
CA VAL A 67 -1.04 12.96 -6.58
C VAL A 67 -1.68 14.34 -6.44
N GLN A 68 -1.20 15.31 -7.20
CA GLN A 68 -1.60 16.70 -7.03
C GLN A 68 -2.53 17.12 -8.17
N THR A 69 -3.74 17.52 -7.84
CA THR A 69 -4.69 17.96 -8.85
C THR A 69 -5.01 19.44 -8.66
N ALA A 70 -5.80 19.95 -9.60
CA ALA A 70 -6.25 21.34 -9.53
C ALA A 70 -7.17 21.58 -8.34
N GLU A 71 -7.78 20.54 -7.80
CA GLU A 71 -8.74 20.69 -6.70
C GLU A 71 -8.32 19.95 -5.45
N GLY A 72 -7.02 19.84 -5.21
CA GLY A 72 -6.50 19.20 -4.01
C GLY A 72 -5.66 18.00 -4.35
N ALA A 73 -5.08 17.44 -3.29
CA ALA A 73 -4.13 16.35 -3.39
C ALA A 73 -4.75 15.05 -2.89
N VAL A 74 -4.26 13.93 -3.44
CA VAL A 74 -4.61 12.59 -2.98
C VAL A 74 -3.35 11.94 -2.44
N LEU A 75 -3.48 11.17 -1.36
CA LEU A 75 -2.37 10.40 -0.80
C LEU A 75 -2.71 8.92 -0.89
N LEU A 76 -1.80 8.14 -1.48
CA LEU A 76 -1.93 6.69 -1.53
C LEU A 76 -0.88 6.10 -0.58
N ASP A 77 -1.35 5.57 0.55
CA ASP A 77 -0.53 5.00 1.62
C ASP A 77 0.24 6.07 2.39
N GLY A 78 0.55 5.77 3.65
CA GLY A 78 1.30 6.70 4.48
C GLY A 78 2.54 6.07 5.09
N GLY A 79 2.72 4.75 4.93
CA GLY A 79 3.84 4.10 5.56
C GLY A 79 3.61 3.82 7.04
N MET A 80 4.64 4.00 7.88
CA MET A 80 4.59 3.72 9.30
C MET A 80 3.90 4.85 10.08
N PRO A 81 3.42 4.56 11.30
CA PRO A 81 2.76 5.62 12.09
C PRO A 81 3.62 6.85 12.33
N GLN A 82 4.93 6.67 12.56
CA GLN A 82 5.79 7.81 12.86
C GLN A 82 6.15 8.64 11.64
N MET A 83 5.64 8.31 10.45
CA MET A 83 5.90 9.08 9.24
C MET A 83 4.95 10.26 9.02
N ALA A 84 3.97 10.47 9.91
CA ALA A 84 2.96 11.51 9.66
C ALA A 84 3.58 12.89 9.47
N GLY A 85 4.48 13.29 10.38
CA GLY A 85 5.08 14.61 10.28
C GLY A 85 5.89 14.78 9.02
N HIS A 86 6.65 13.75 8.66
CA HIS A 86 7.48 13.81 7.46
C HIS A 86 6.62 13.99 6.20
N LEU A 87 5.53 13.23 6.11
CA LEU A 87 4.64 13.38 4.96
C LEU A 87 4.10 14.80 4.84
N LEU A 88 3.71 15.40 5.96
CA LEU A 88 3.23 16.78 5.91
C LEU A 88 4.33 17.73 5.47
N ASP A 89 5.57 17.49 5.91
CA ASP A 89 6.69 18.31 5.47
C ASP A 89 6.85 18.22 3.96
N ASN A 90 6.83 16.99 3.43
CA ASN A 90 6.99 16.82 1.98
C ASN A 90 5.81 17.41 1.22
N MET A 91 4.59 17.27 1.77
CA MET A 91 3.45 17.91 1.13
C MET A 91 3.66 19.41 1.02
N LYS A 92 4.15 20.04 2.11
CA LYS A 92 4.44 21.47 2.07
C LYS A 92 5.50 21.80 1.02
N LEU A 93 6.53 20.96 0.90
CA LEU A 93 7.53 21.18 -0.15
C LEU A 93 6.90 21.15 -1.54
N ARG A 94 5.84 20.38 -1.72
CA ARG A 94 5.16 20.29 -3.01
C ARG A 94 4.09 21.35 -3.19
N GLY A 95 3.93 22.26 -2.21
CA GLY A 95 2.94 23.31 -2.28
C GLY A 95 1.58 22.92 -1.75
N VAL A 96 1.48 21.79 -1.07
CA VAL A 96 0.22 21.26 -0.58
C VAL A 96 0.16 21.51 0.93
N ALA A 97 -0.72 22.43 1.35
CA ALA A 97 -0.95 22.66 2.76
C ALA A 97 -1.76 21.50 3.34
N PRO A 98 -1.74 21.32 4.67
CA PRO A 98 -2.52 20.22 5.26
C PRO A 98 -3.98 20.19 4.79
N GLN A 99 -4.66 21.34 4.73
CA GLN A 99 -6.06 21.35 4.32
C GLN A 99 -6.24 21.03 2.84
N ASP A 100 -5.17 21.08 2.05
CA ASP A 100 -5.28 20.77 0.63
C ASP A 100 -5.32 19.27 0.35
N LEU A 101 -5.00 18.41 1.34
CA LEU A 101 -5.12 16.97 1.15
C LEU A 101 -6.59 16.59 1.23
N ARG A 102 -7.15 16.12 0.12
CA ARG A 102 -8.57 15.81 0.01
C ARG A 102 -8.87 14.36 0.34
N LEU A 103 -7.99 13.43 -0.04
CA LEU A 103 -8.38 12.04 -0.02
C LEU A 103 -7.18 11.18 0.29
N ILE A 104 -7.39 10.15 1.10
CA ILE A 104 -6.41 9.10 1.38
C ILE A 104 -6.93 7.79 0.81
N LEU A 105 -6.12 7.12 0.00
CA LEU A 105 -6.37 5.77 -0.48
C LEU A 105 -5.28 4.85 0.07
N LEU A 106 -5.61 3.55 0.16
CA LEU A 106 -4.72 2.58 0.77
C LEU A 106 -4.54 1.34 -0.11
N SER A 107 -3.32 0.79 -0.11
CA SER A 107 -3.11 -0.56 -0.62
C SER A 107 -3.73 -1.59 0.31
N HIS A 108 -3.29 -1.63 1.58
CA HIS A 108 -3.90 -2.48 2.61
C HIS A 108 -3.60 -1.92 3.99
N ALA A 109 -4.42 -2.32 4.97
CA ALA A 109 -4.45 -1.66 6.27
C ALA A 109 -3.54 -2.35 7.29
N HIS A 110 -2.26 -2.46 6.94
CA HIS A 110 -1.22 -2.91 7.88
C HIS A 110 -0.42 -1.71 8.41
N ALA A 111 0.20 -1.89 9.58
CA ALA A 111 0.90 -0.79 10.25
C ALA A 111 1.96 -0.11 9.40
N ASP A 112 2.62 -0.84 8.48
CA ASP A 112 3.70 -0.26 7.69
C ASP A 112 3.21 0.43 6.42
N HIS A 113 1.90 0.53 6.21
CA HIS A 113 1.40 1.21 5.01
C HIS A 113 0.29 2.20 5.34
N ALA A 114 -0.53 1.87 6.32
CA ALA A 114 -1.61 2.74 6.78
C ALA A 114 -1.35 3.31 8.16
N GLY A 115 -0.14 3.12 8.69
CA GLY A 115 0.22 3.54 10.02
C GLY A 115 -0.24 4.93 10.47
N PRO A 116 -0.01 5.96 9.66
CA PRO A 116 -0.31 7.33 10.11
C PRO A 116 -1.67 7.87 9.68
N VAL A 117 -2.59 7.01 9.19
CA VAL A 117 -3.84 7.52 8.62
C VAL A 117 -4.65 8.31 9.64
N ALA A 118 -4.78 7.80 10.87
CA ALA A 118 -5.58 8.51 11.88
C ALA A 118 -5.06 9.92 12.09
N GLU A 119 -3.75 10.05 12.31
CA GLU A 119 -3.17 11.35 12.56
C GLU A 119 -3.30 12.26 11.35
N LEU A 120 -3.13 11.71 10.15
CA LEU A 120 -3.27 12.53 8.95
C LEU A 120 -4.70 13.06 8.82
N LYS A 121 -5.70 12.21 9.07
CA LYS A 121 -7.09 12.68 9.02
C LYS A 121 -7.33 13.82 10.01
N ARG A 122 -6.84 13.66 11.24
CA ARG A 122 -7.01 14.72 12.23
C ARG A 122 -6.36 16.02 11.77
N ARG A 123 -5.21 15.93 11.10
CA ARG A 123 -4.43 17.13 10.83
C ARG A 123 -4.70 17.76 9.48
N THR A 124 -5.43 17.08 8.59
CA THR A 124 -5.69 17.56 7.23
C THR A 124 -7.15 17.70 6.87
N GLY A 125 -8.07 17.02 7.56
CA GLY A 125 -9.43 17.00 7.09
C GLY A 125 -9.69 16.12 5.88
N ALA A 126 -8.70 15.36 5.41
CA ALA A 126 -8.91 14.39 4.35
C ALA A 126 -9.95 13.34 4.75
N HIS A 127 -10.60 12.76 3.75
CA HIS A 127 -11.43 11.58 3.87
C HIS A 127 -10.65 10.34 3.41
N VAL A 128 -11.00 9.19 3.94
CA VAL A 128 -10.44 7.90 3.54
C VAL A 128 -11.48 7.15 2.72
N ALA A 129 -11.08 6.62 1.55
CA ALA A 129 -11.91 5.69 0.79
C ALA A 129 -11.23 4.33 0.75
N ALA A 130 -11.99 3.27 1.03
CA ALA A 130 -11.44 1.93 1.11
C ALA A 130 -12.56 0.92 1.00
N ASN A 131 -12.21 -0.31 0.63
CA ASN A 131 -13.23 -1.35 0.57
C ASN A 131 -13.59 -1.82 1.97
N ALA A 132 -14.65 -2.63 2.07
CA ALA A 132 -15.18 -3.01 3.38
C ALA A 132 -14.14 -3.79 4.19
N GLU A 133 -13.37 -4.68 3.56
CA GLU A 133 -12.38 -5.43 4.31
C GLU A 133 -11.31 -4.51 4.89
N THR A 134 -10.78 -3.61 4.08
CA THR A 134 -9.80 -2.65 4.58
C THR A 134 -10.40 -1.78 5.67
N ALA A 135 -11.65 -1.36 5.49
CA ALA A 135 -12.30 -0.51 6.48
C ALA A 135 -12.38 -1.19 7.85
N VAL A 136 -12.75 -2.47 7.89
CA VAL A 136 -12.92 -3.09 9.21
C VAL A 136 -11.57 -3.34 9.86
N LEU A 137 -10.54 -3.66 9.08
CA LEU A 137 -9.20 -3.84 9.65
C LEU A 137 -8.62 -2.50 10.10
N LEU A 138 -8.80 -1.46 9.28
CA LEU A 138 -8.38 -0.12 9.66
C LEU A 138 -9.03 0.30 10.98
N ALA A 139 -10.32 0.02 11.15
CA ALA A 139 -11.01 0.46 12.36
C ALA A 139 -10.61 -0.32 13.60
N ARG A 140 -9.97 -1.49 13.45
CA ARG A 140 -9.36 -2.24 14.55
C ARG A 140 -7.91 -1.84 14.80
N GLY A 141 -7.38 -0.87 14.06
CA GLY A 141 -5.98 -0.54 14.18
C GLY A 141 -5.05 -1.71 13.87
N GLY A 142 -5.46 -2.58 12.96
CA GLY A 142 -4.68 -3.76 12.66
C GLY A 142 -4.73 -4.87 13.70
N SER A 143 -5.51 -4.70 14.77
CA SER A 143 -5.59 -5.76 15.76
C SER A 143 -6.41 -6.94 15.23
N ASN A 144 -6.33 -8.06 15.93
CA ASN A 144 -6.97 -9.32 15.51
C ASN A 144 -6.72 -9.60 14.02
N ASP A 145 -5.49 -9.35 13.58
CA ASP A 145 -5.09 -9.68 12.21
C ASP A 145 -5.19 -11.18 11.99
N LEU A 146 -5.59 -11.58 10.77
CA LEU A 146 -5.79 -13.00 10.48
C LEU A 146 -4.55 -13.82 10.76
N HIS A 147 -3.38 -13.24 10.58
CA HIS A 147 -2.12 -13.96 10.74
C HIS A 147 -1.25 -13.42 11.87
N PHE A 148 -1.26 -12.11 12.11
CA PHE A 148 -0.37 -11.48 13.07
C PHE A 148 -1.00 -11.32 14.47
N GLY A 149 -2.29 -11.64 14.63
CA GLY A 149 -2.92 -11.40 15.92
C GLY A 149 -2.90 -9.91 16.27
N ASP A 150 -2.42 -9.59 17.47
CA ASP A 150 -2.29 -8.22 17.94
C ASP A 150 -0.85 -7.72 17.91
N GLY A 151 0.03 -8.41 17.18
CA GLY A 151 1.45 -8.09 17.24
C GLY A 151 1.85 -6.86 16.47
N ILE A 152 1.06 -6.46 15.47
CA ILE A 152 1.43 -5.37 14.57
C ILE A 152 0.21 -4.46 14.44
N THR A 153 0.15 -3.41 15.27
CA THR A 153 -1.03 -2.56 15.38
C THR A 153 -0.63 -1.08 15.22
N TYR A 154 -1.64 -0.24 15.10
CA TYR A 154 -1.47 1.19 14.83
C TYR A 154 -2.75 1.90 15.24
N PRO A 155 -2.76 3.23 15.31
CA PRO A 155 -3.99 3.92 15.76
C PRO A 155 -5.13 3.69 14.79
N PRO A 156 -6.30 3.25 15.28
CA PRO A 156 -7.42 2.98 14.38
C PRO A 156 -7.90 4.23 13.67
N ALA A 157 -8.47 4.02 12.47
CA ALA A 157 -9.05 5.11 11.69
C ALA A 157 -10.30 4.58 11.00
N SER A 158 -11.23 5.48 10.70
CA SER A 158 -12.49 5.12 10.05
C SER A 158 -12.44 5.45 8.56
N ALA A 159 -13.00 4.56 7.75
CA ALA A 159 -13.18 4.86 6.34
C ALA A 159 -14.43 5.71 6.17
N ASP A 160 -14.32 6.74 5.34
CA ASP A 160 -15.45 7.64 5.10
C ASP A 160 -16.26 7.25 3.88
N ARG A 161 -15.65 6.55 2.94
CA ARG A 161 -16.33 6.09 1.74
C ARG A 161 -15.96 4.64 1.54
N ILE A 162 -16.96 3.76 1.43
CA ILE A 162 -16.71 2.36 1.11
C ILE A 162 -16.76 2.20 -0.41
N ILE A 163 -15.74 1.57 -0.97
CA ILE A 163 -15.70 1.39 -2.42
C ILE A 163 -15.77 -0.09 -2.76
N MET A 164 -16.23 -0.35 -3.98
CA MET A 164 -16.42 -1.69 -4.52
C MET A 164 -15.39 -1.95 -5.61
N ASP A 165 -15.20 -3.24 -5.95
CA ASP A 165 -14.21 -3.60 -6.95
C ASP A 165 -14.55 -2.92 -8.27
N GLY A 166 -13.55 -2.24 -8.86
CA GLY A 166 -13.75 -1.54 -10.12
C GLY A 166 -14.29 -0.14 -10.00
N GLU A 167 -14.63 0.31 -8.80
CA GLU A 167 -15.22 1.62 -8.61
C GLU A 167 -14.18 2.71 -8.83
N VAL A 168 -14.64 3.84 -9.37
CA VAL A 168 -13.77 4.95 -9.74
C VAL A 168 -13.95 6.07 -8.72
N VAL A 169 -12.84 6.53 -8.17
CA VAL A 169 -12.81 7.69 -7.27
C VAL A 169 -12.08 8.81 -7.99
N THR A 170 -12.72 9.98 -8.09
CA THR A 170 -12.17 11.08 -8.88
C THR A 170 -11.94 12.32 -8.03
N VAL A 171 -10.76 12.92 -8.18
CA VAL A 171 -10.38 14.17 -7.52
C VAL A 171 -9.72 15.05 -8.56
N GLY A 172 -10.20 16.29 -8.69
CA GLY A 172 -9.62 17.22 -9.64
C GLY A 172 -9.54 16.67 -11.04
N GLY A 173 -10.51 15.86 -11.45
CA GLY A 173 -10.51 15.26 -12.76
C GLY A 173 -9.67 14.01 -12.90
N ILE A 174 -8.81 13.69 -11.94
CA ILE A 174 -7.98 12.50 -12.03
C ILE A 174 -8.77 11.33 -11.46
N ALA A 175 -8.92 10.28 -12.27
CA ALA A 175 -9.74 9.13 -11.93
C ALA A 175 -8.88 7.98 -11.42
N PHE A 176 -9.14 7.54 -10.19
CA PHE A 176 -8.47 6.39 -9.59
C PHE A 176 -9.43 5.21 -9.57
N THR A 177 -8.99 4.07 -10.09
CA THR A 177 -9.81 2.87 -10.16
C THR A 177 -9.26 1.81 -9.21
N ALA A 178 -10.14 1.25 -8.39
CA ALA A 178 -9.78 0.18 -7.46
C ALA A 178 -9.87 -1.18 -8.13
N HIS A 179 -8.86 -2.02 -7.90
CA HIS A 179 -8.85 -3.40 -8.39
C HIS A 179 -8.56 -4.28 -7.19
N PHE A 180 -9.55 -5.05 -6.73
CA PHE A 180 -9.33 -5.87 -5.55
C PHE A 180 -8.38 -7.01 -5.89
N MET A 181 -7.40 -7.23 -5.02
CA MET A 181 -6.45 -8.33 -5.19
C MET A 181 -6.21 -8.96 -3.82
N PRO A 182 -7.23 -9.64 -3.29
CA PRO A 182 -7.10 -10.19 -1.93
C PRO A 182 -6.00 -11.24 -1.84
N GLY A 183 -5.41 -11.31 -0.65
CA GLY A 183 -4.42 -12.31 -0.35
C GLY A 183 -3.58 -11.83 0.82
N HIS A 184 -2.69 -10.88 0.55
CA HIS A 184 -1.85 -10.37 1.62
C HIS A 184 -2.70 -9.89 2.80
N THR A 185 -3.79 -9.19 2.51
CA THR A 185 -4.90 -8.99 3.42
C THR A 185 -6.16 -9.23 2.59
N PRO A 186 -7.28 -9.54 3.23
CA PRO A 186 -8.55 -9.67 2.48
C PRO A 186 -8.91 -8.41 1.70
N GLY A 187 -8.54 -7.23 2.19
CA GLY A 187 -8.89 -5.98 1.55
C GLY A 187 -7.86 -5.43 0.60
N SER A 188 -6.81 -6.18 0.32
CA SER A 188 -5.74 -5.72 -0.57
C SER A 188 -6.27 -5.20 -1.90
N THR A 189 -5.80 -4.01 -2.29
CA THR A 189 -6.31 -3.27 -3.43
C THR A 189 -5.15 -2.73 -4.27
N ALA A 190 -5.28 -2.85 -5.59
CA ALA A 190 -4.44 -2.11 -6.51
C ALA A 190 -5.21 -0.87 -6.97
N TRP A 191 -4.50 0.25 -7.09
CA TRP A 191 -5.08 1.49 -7.60
C TRP A 191 -4.40 1.88 -8.90
N THR A 192 -5.19 2.22 -9.92
CA THR A 192 -4.64 2.62 -11.21
C THR A 192 -5.14 4.01 -11.59
N TRP A 193 -4.29 4.73 -12.30
CA TRP A 193 -4.67 6.03 -12.83
C TRP A 193 -3.72 6.37 -13.96
N THR A 194 -4.14 7.30 -14.81
CA THR A 194 -3.35 7.74 -15.96
C THR A 194 -2.82 9.14 -15.67
N ASP A 195 -1.50 9.26 -15.53
CA ASP A 195 -0.81 10.55 -15.45
C ASP A 195 -0.18 10.84 -16.81
N THR A 196 0.68 11.85 -16.88
CA THR A 196 1.37 12.20 -18.11
C THR A 196 2.86 12.40 -17.83
N ARG A 197 3.63 12.38 -18.91
CA ARG A 197 5.05 12.69 -18.88
C ARG A 197 5.48 12.97 -20.31
N ASP A 198 6.07 14.14 -20.56
CA ASP A 198 6.53 14.52 -21.90
C ASP A 198 5.38 14.50 -22.91
N GLY A 199 4.18 14.88 -22.47
CA GLY A 199 3.02 14.93 -23.34
C GLY A 199 2.35 13.61 -23.62
N LYS A 200 2.88 12.51 -23.09
CA LYS A 200 2.34 11.18 -23.35
C LYS A 200 1.68 10.64 -22.09
N PRO A 201 0.59 9.88 -22.24
CA PRO A 201 -0.03 9.27 -21.07
C PRO A 201 0.85 8.18 -20.48
N VAL A 202 0.81 8.07 -19.17
CA VAL A 202 1.52 7.04 -18.42
C VAL A 202 0.49 6.38 -17.52
N ARG A 203 0.12 5.14 -17.84
CA ARG A 203 -0.81 4.40 -17.02
C ARG A 203 -0.06 3.85 -15.81
N ILE A 204 -0.31 4.44 -14.63
CA ILE A 204 0.37 4.02 -13.41
C ILE A 204 -0.47 2.96 -12.72
N ALA A 205 0.19 1.90 -12.25
CA ALA A 205 -0.42 0.86 -11.45
C ALA A 205 0.31 0.79 -10.12
N TYR A 206 -0.41 1.12 -9.04
CA TYR A 206 0.08 0.98 -7.67
C TYR A 206 -0.52 -0.33 -7.15
N ALA A 207 0.23 -1.41 -7.34
CA ALA A 207 -0.26 -2.75 -7.05
C ALA A 207 0.12 -3.13 -5.63
N ASP A 208 -0.82 -3.76 -4.92
CA ASP A 208 -0.55 -4.06 -3.52
C ASP A 208 0.48 -5.18 -3.38
N SER A 209 0.91 -5.39 -2.14
CA SER A 209 1.78 -6.50 -1.78
C SER A 209 1.18 -7.86 -2.15
N LEU A 210 2.04 -8.80 -2.54
CA LEU A 210 1.61 -10.17 -2.85
C LEU A 210 2.33 -11.21 -2.00
N SER A 211 2.99 -10.78 -0.94
CA SER A 211 3.71 -11.67 -0.04
C SER A 211 2.74 -12.33 0.93
N ALA A 212 3.20 -13.41 1.54
CA ALA A 212 2.45 -14.14 2.57
C ALA A 212 3.38 -14.38 3.75
N PRO A 213 3.82 -13.30 4.45
CA PRO A 213 4.93 -13.43 5.42
C PRO A 213 4.59 -14.24 6.66
N GLY A 214 5.09 -15.47 6.70
CA GLY A 214 4.79 -16.38 7.79
C GLY A 214 3.37 -16.88 7.84
N TYR A 215 2.58 -16.67 6.78
CA TYR A 215 1.19 -17.10 6.81
C TYR A 215 1.09 -18.62 6.71
N GLN A 216 0.12 -19.19 7.44
CA GLN A 216 -0.35 -20.53 7.13
C GLN A 216 -1.23 -20.45 5.88
N LEU A 217 -0.84 -21.15 4.82
CA LEU A 217 -1.56 -21.03 3.56
C LEU A 217 -2.67 -22.07 3.42
N LYS A 218 -2.43 -23.31 3.81
CA LYS A 218 -3.38 -24.40 3.60
C LYS A 218 -4.24 -24.62 4.85
N GLY A 219 -5.55 -24.72 4.65
CA GLY A 219 -6.43 -25.06 5.75
C GLY A 219 -6.38 -24.07 6.88
N ASN A 220 -6.20 -22.79 6.57
CA ASN A 220 -6.18 -21.72 7.56
C ASN A 220 -7.62 -21.44 7.98
N PRO A 221 -7.99 -21.71 9.24
CA PRO A 221 -9.41 -21.52 9.62
C PRO A 221 -9.87 -20.07 9.53
N ARG A 222 -8.97 -19.10 9.69
CA ARG A 222 -9.33 -17.68 9.57
C ARG A 222 -9.36 -17.20 8.12
N TYR A 223 -8.91 -18.02 7.17
CA TYR A 223 -8.88 -17.63 5.76
C TYR A 223 -8.93 -18.90 4.91
N PRO A 224 -10.11 -19.54 4.84
CA PRO A 224 -10.18 -20.85 4.18
C PRO A 224 -9.89 -20.81 2.69
N ARG A 225 -10.18 -19.71 1.99
N ARG A 225 -10.19 -19.71 2.00
CA ARG A 225 -9.95 -19.64 0.56
CA ARG A 225 -9.97 -19.62 0.55
C ARG A 225 -8.71 -18.82 0.21
C ARG A 225 -8.73 -18.78 0.23
N LEU A 226 -7.75 -18.78 1.13
CA LEU A 226 -6.54 -17.98 0.94
C LEU A 226 -5.82 -18.34 -0.36
N ILE A 227 -5.62 -19.64 -0.63
CA ILE A 227 -4.87 -20.02 -1.82
C ILE A 227 -5.61 -19.59 -3.07
N GLU A 228 -6.93 -19.79 -3.09
CA GLU A 228 -7.73 -19.41 -4.26
C GLU A 228 -7.67 -17.90 -4.50
N ASP A 229 -7.67 -17.11 -3.42
CA ASP A 229 -7.64 -15.65 -3.56
C ASP A 229 -6.29 -15.18 -4.11
N TYR A 230 -5.20 -15.69 -3.55
CA TYR A 230 -3.87 -15.37 -4.07
C TYR A 230 -3.78 -15.69 -5.55
N LYS A 231 -4.25 -16.87 -5.96
CA LYS A 231 -4.13 -17.30 -7.35
C LYS A 231 -4.88 -16.35 -8.28
N ARG A 232 -6.11 -15.98 -7.88
CA ARG A 232 -6.86 -15.00 -8.66
C ARG A 232 -6.17 -13.64 -8.68
N SER A 233 -5.53 -13.27 -7.57
CA SER A 233 -4.91 -11.95 -7.49
C SER A 233 -3.68 -11.85 -8.39
N PHE A 234 -2.90 -12.93 -8.53
CA PHE A 234 -1.82 -12.92 -9.51
C PHE A 234 -2.35 -12.58 -10.90
N ALA A 235 -3.46 -13.22 -11.28
CA ALA A 235 -4.03 -12.95 -12.60
C ALA A 235 -4.53 -11.52 -12.69
N THR A 236 -5.09 -10.99 -11.61
CA THR A 236 -5.56 -9.60 -11.60
C THR A 236 -4.42 -8.63 -11.85
N VAL A 237 -3.29 -8.84 -11.18
CA VAL A 237 -2.14 -7.97 -11.35
C VAL A 237 -1.61 -8.04 -12.77
N ARG A 238 -1.55 -9.25 -13.33
CA ARG A 238 -1.06 -9.45 -14.70
C ARG A 238 -1.85 -8.61 -15.70
N ALA A 239 -3.15 -8.43 -15.45
CA ALA A 239 -4.03 -7.78 -16.40
C ALA A 239 -4.23 -6.30 -16.15
N LEU A 240 -3.57 -5.73 -15.13
CA LEU A 240 -3.76 -4.32 -14.84
C LEU A 240 -3.25 -3.46 -15.99
N PRO A 241 -3.91 -2.33 -16.26
CA PRO A 241 -3.32 -1.31 -17.14
C PRO A 241 -2.06 -0.75 -16.50
N CYS A 242 -0.93 -0.89 -17.19
CA CYS A 242 0.34 -0.82 -16.46
C CYS A 242 1.51 -0.39 -17.32
N ASP A 243 1.66 0.92 -17.55
CA ASP A 243 2.90 1.42 -18.15
C ASP A 243 4.01 1.55 -17.11
N LEU A 244 3.66 1.75 -15.84
CA LEU A 244 4.63 1.96 -14.78
C LEU A 244 4.08 1.36 -13.50
N LEU A 245 4.81 0.42 -12.93
CA LEU A 245 4.34 -0.27 -11.73
C LEU A 245 5.08 0.29 -10.53
N LEU A 246 4.34 0.51 -9.44
CA LEU A 246 4.91 0.82 -8.15
C LEU A 246 4.24 -0.07 -7.12
N THR A 247 4.91 -0.29 -5.99
CA THR A 247 4.43 -1.21 -4.96
C THR A 247 4.69 -0.61 -3.58
N PRO A 248 3.90 -1.01 -2.58
CA PRO A 248 4.07 -0.46 -1.22
C PRO A 248 5.49 -0.60 -0.67
N HIS A 249 6.13 -1.76 -0.86
CA HIS A 249 7.56 -1.86 -0.64
C HIS A 249 8.23 -1.71 -1.99
N PRO A 250 9.05 -0.68 -2.20
CA PRO A 250 9.55 -0.41 -3.56
C PRO A 250 10.42 -1.51 -4.09
N GLY A 251 11.14 -2.23 -3.22
CA GLY A 251 11.95 -3.35 -3.68
C GLY A 251 11.15 -4.46 -4.33
N ALA A 252 9.87 -4.57 -4.02
CA ALA A 252 9.04 -5.61 -4.61
C ALA A 252 8.87 -5.41 -6.11
N SER A 253 8.86 -4.17 -6.57
CA SER A 253 8.82 -3.89 -8.01
C SER A 253 10.16 -3.39 -8.53
N ASN A 254 11.23 -3.57 -7.75
CA ASN A 254 12.60 -3.26 -8.17
C ASN A 254 12.85 -1.76 -8.33
N TRP A 255 12.13 -0.92 -7.59
CA TRP A 255 12.49 0.49 -7.52
C TRP A 255 13.61 0.69 -6.51
N ASN A 256 14.36 1.76 -6.70
CA ASN A 256 15.41 2.18 -5.76
C ASN A 256 15.24 3.67 -5.52
N TYR A 257 14.38 4.04 -4.55
CA TYR A 257 14.03 5.44 -4.35
C TYR A 257 15.25 6.30 -4.05
N ALA A 258 16.27 5.72 -3.40
CA ALA A 258 17.40 6.52 -2.93
C ALA A 258 18.29 7.05 -4.05
N VAL A 259 18.18 6.57 -5.29
CA VAL A 259 19.09 7.02 -6.33
C VAL A 259 18.48 8.15 -7.15
N GLY A 260 17.29 8.62 -6.77
CA GLY A 260 16.71 9.76 -7.44
C GLY A 260 16.19 9.50 -8.83
N SER A 261 16.71 10.22 -9.83
CA SER A 261 16.14 10.15 -11.18
C SER A 261 16.28 8.76 -11.81
N LYS A 262 17.22 7.94 -11.36
CA LYS A 262 17.38 6.59 -11.87
C LYS A 262 16.58 5.56 -11.06
N ALA A 263 15.70 6.02 -10.17
CA ALA A 263 15.00 5.12 -9.24
C ALA A 263 14.11 4.12 -9.96
N SER A 264 13.51 4.50 -11.08
CA SER A 264 12.57 3.64 -11.81
C SER A 264 13.24 2.72 -12.82
N ALA A 265 14.55 2.85 -13.03
CA ALA A 265 15.19 2.24 -14.21
C ALA A 265 14.96 0.73 -14.26
N GLU A 266 15.08 0.05 -13.11
CA GLU A 266 14.99 -1.41 -13.07
C GLU A 266 13.60 -1.91 -12.72
N ALA A 267 12.60 -1.03 -12.70
CA ALA A 267 11.27 -1.41 -12.24
C ALA A 267 10.71 -2.55 -13.09
N LEU A 268 10.00 -3.46 -12.42
CA LEU A 268 9.35 -4.59 -13.06
C LEU A 268 8.08 -4.15 -13.77
N THR A 269 7.70 -4.92 -14.78
CA THR A 269 6.35 -4.85 -15.29
C THR A 269 5.38 -5.50 -14.30
N CYS A 270 4.09 -5.25 -14.49
CA CYS A 270 3.08 -5.99 -13.74
C CYS A 270 3.17 -7.49 -14.00
N ASN A 271 3.44 -7.89 -15.24
CA ASN A 271 3.56 -9.31 -15.57
C ASN A 271 4.68 -9.97 -14.76
N ALA A 272 5.83 -9.31 -14.69
CA ALA A 272 6.98 -9.87 -13.99
C ALA A 272 6.79 -9.83 -12.47
N TYR A 273 6.13 -8.80 -11.96
CA TYR A 273 5.83 -8.76 -10.52
C TYR A 273 4.92 -9.91 -10.12
N ALA A 274 3.84 -10.12 -10.86
CA ALA A 274 2.95 -11.25 -10.56
C ALA A 274 3.67 -12.59 -10.68
N ASP A 275 4.50 -12.76 -11.72
CA ASP A 275 5.18 -14.03 -11.93
C ASP A 275 6.13 -14.34 -10.78
N ALA A 276 6.92 -13.35 -10.37
CA ALA A 276 7.83 -13.55 -9.25
C ALA A 276 7.06 -13.86 -7.98
N ALA A 277 5.93 -13.17 -7.75
CA ALA A 277 5.17 -13.41 -6.54
C ALA A 277 4.57 -14.81 -6.52
N GLU A 278 4.05 -15.27 -7.67
CA GLU A 278 3.44 -16.59 -7.74
C GLU A 278 4.47 -17.69 -7.54
N LYS A 279 5.66 -17.53 -8.14
CA LYS A 279 6.72 -18.51 -7.93
C LYS A 279 7.12 -18.57 -6.47
N LYS A 280 7.29 -17.41 -5.83
CA LYS A 280 7.57 -17.41 -4.39
C LYS A 280 6.44 -18.07 -3.60
N PHE A 281 5.19 -17.78 -3.96
CA PHE A 281 4.05 -18.39 -3.26
C PHE A 281 4.06 -19.91 -3.44
N ASP A 282 4.24 -20.37 -4.68
CA ASP A 282 4.22 -21.81 -4.94
C ASP A 282 5.32 -22.54 -4.18
N ALA A 283 6.52 -21.94 -4.12
CA ALA A 283 7.60 -22.52 -3.34
C ALA A 283 7.27 -22.57 -1.87
N GLN A 284 6.67 -21.48 -1.35
CA GLN A 284 6.31 -21.45 0.06
C GLN A 284 5.25 -22.50 0.37
N LEU A 285 4.28 -22.67 -0.54
CA LEU A 285 3.25 -23.67 -0.35
C LEU A 285 3.83 -25.08 -0.28
N ALA A 286 4.77 -25.39 -1.18
CA ALA A 286 5.40 -26.70 -1.15
C ALA A 286 6.21 -26.88 0.12
N ARG A 287 6.89 -25.82 0.57
CA ARG A 287 7.63 -25.92 1.84
C ARG A 287 6.69 -26.17 3.00
N GLU A 288 5.50 -25.57 2.98
CA GLU A 288 4.54 -25.79 4.06
C GLU A 288 4.10 -27.24 4.11
N THR A 289 3.84 -27.84 2.93
CA THR A 289 3.53 -29.26 2.87
C THR A 289 4.69 -30.11 3.40
N ALA A 290 5.92 -29.64 3.24
CA ALA A 290 7.12 -30.30 3.74
C ALA A 290 7.50 -29.86 5.16
N GLY A 291 6.58 -29.21 5.88
CA GLY A 291 6.73 -28.96 7.30
C GLY A 291 7.59 -27.80 7.72
N THR A 292 8.04 -26.94 6.80
CA THR A 292 8.94 -25.84 7.18
C THR A 292 8.36 -24.44 6.92
#